data_8CYN
#
_entry.id   8CYN
#
_cell.length_a   231.034
_cell.length_b   231.034
_cell.length_c   100.851
_cell.angle_alpha   90.000
_cell.angle_beta   90.000
_cell.angle_gamma   120.000
#
_symmetry.space_group_name_H-M   'P 63'
#
loop_
_entity.id
_entity.type
_entity.pdbx_description
1 polymer "DNA (5'-D(*GP*CP*GP*CP*AP*GP*CP*CP*TP*GP*TP*AP*CP*GP*GP*AP*CP*AP*TP*CP*A)-3')"
2 polymer "DNA (5'-D(P*CP*CP*GP*TP*AP*CP*A)-3')"
3 polymer "DNA (5'-D(P*GP*GP*CP*TP*GP*C)-3')"
4 polymer "DNA (5'-D(*TP*CP*TP*GP*AP*TP*GP*T)-3')"
5 polymer "DNA (5'-D(P*GP*AP*TP*GP*CP*TP*GP*AP*CP*GP*TP*AP*GP*TP*AP*GP*CP*AP*GP*A)-3')"
6 polymer "DNA (5'-D(P*GP*CP*TP*CP*TP*GP*CP*TP*AP*CP*TP*AP*CP*GP*TP*CP*AP*GP*CP*A)-3')"
#
loop_
_entity_poly.entity_id
_entity_poly.type
_entity_poly.pdbx_seq_one_letter_code
_entity_poly.pdbx_strand_id
1 'polydeoxyribonucleotide'
;(DG)(DC)(DG)(DC)(DA)(DG)(DC)(DC)(DT)(DG)(DT)(DA)(DC)(DG)(DG)(DA)(DC)(DA)(DT)(DC)
(DA)
;
A
2 'polydeoxyribonucleotide' (DC)(DC)(DG)(DT)(DA)(DC)(DA) B
3 'polydeoxyribonucleotide' (DG)(DG)(DC)(DT)(DG)(DC) C
4 'polydeoxyribonucleotide' (DT)(DC)(DT)(DG)(DA)(DT)(DG)(DT) D
5 'polydeoxyribonucleotide' (DG)(DA)(DT)(DG)(DC)(DT)(DG)(DA)(DC)(DG)(DT)(DA)(DG)(DT)(DA)(DG)(DC)(DA)(DG)(DA) X
6 'polydeoxyribonucleotide' (DG)(DC)(DT)(DC)(DT)(DG)(DC)(DT)(DA)(DC)(DT)(DA)(DC)(DG)(DT)(DC)(DA)(DG)(DC)(DA) Y
#